data_2BBT
#
_entry.id   2BBT
#
_cell.length_a   65.405
_cell.length_b   65.686
_cell.length_c   132.777
_cell.angle_alpha   90.000
_cell.angle_beta   90.000
_cell.angle_gamma   90.000
#
_symmetry.space_group_name_H-M   'P 21 21 21'
#
loop_
_entity.id
_entity.type
_entity.pdbx_description
1 polymer 'Cystic fibrosis transmembrane conductance regulator'
2 non-polymer 'MAGNESIUM ION'
3 non-polymer "ADENOSINE-5'-TRIPHOSPHATE"
4 water water
#
_entity_poly.entity_id   1
_entity_poly.type   'polypeptide(L)'
_entity_poly.pdbx_seq_one_letter_code
;STTEVVMENVTAFWEEGFGELFEKAKQNNNNRKTSNGDDSLFFSNFSLLGTPVLKDINFKIERGQLLAVAGSTGAGKTSL
LMMIMGELEPSEGKIKHSGRISFCSQNSWIMPGTIKENIIGVSYDEYRYRSVIKACQLEEDISKFAEKDNIVLGEGGITL
SGGQRARISLARAVYKDADLYLLDSPFGYLDVLTEKEIFESCVCKLMANKTRILVTSKMEHLKKADKILILHEGSSYFYG
TFSELQNLRPDFSSKLMGCDSFDQFSAERRNSILTETLHRFSLEGDAPVS
;
_entity_poly.pdbx_strand_id   A,B
#
loop_
_chem_comp.id
_chem_comp.type
_chem_comp.name
_chem_comp.formula
ATP non-polymer ADENOSINE-5'-TRIPHOSPHATE 'C10 H16 N5 O13 P3'
MG non-polymer 'MAGNESIUM ION' 'Mg 2'
#
# COMPACT_ATOMS: atom_id res chain seq x y z
N THR A 3 1.25 31.13 6.19
CA THR A 3 2.57 30.97 5.49
C THR A 3 2.40 30.71 4.00
N GLU A 4 3.37 31.17 3.22
CA GLU A 4 3.44 30.83 1.80
C GLU A 4 4.44 29.70 1.54
N VAL A 5 4.08 28.78 0.66
CA VAL A 5 4.91 27.61 0.37
C VAL A 5 5.43 27.72 -1.06
N VAL A 6 6.75 27.64 -1.21
CA VAL A 6 7.41 27.79 -2.50
C VAL A 6 8.37 26.63 -2.76
N MET A 7 8.28 26.05 -3.95
CA MET A 7 9.30 25.12 -4.45
C MET A 7 9.90 25.64 -5.75
N GLU A 8 11.23 25.67 -5.80
CA GLU A 8 11.95 26.10 -6.99
C GLU A 8 12.95 25.02 -7.43
N ASN A 9 12.75 24.47 -8.61
CA ASN A 9 13.62 23.44 -9.20
C ASN A 9 13.99 22.31 -8.23
N VAL A 10 13.00 21.81 -7.49
CA VAL A 10 13.26 20.80 -6.47
C VAL A 10 13.37 19.39 -7.06
N THR A 11 14.49 18.74 -6.78
CA THR A 11 14.70 17.34 -7.08
C THR A 11 15.10 16.62 -5.80
N ALA A 12 14.51 15.44 -5.57
CA ALA A 12 14.75 14.67 -4.36
C ALA A 12 14.83 13.17 -4.62
N PHE A 13 15.65 12.48 -3.83
CA PHE A 13 15.82 11.04 -3.91
C PHE A 13 15.54 10.46 -2.53
N TRP A 14 14.72 9.40 -2.47
CA TRP A 14 14.46 8.74 -1.18
C TRP A 14 15.72 8.09 -0.59
N GLU A 15 16.55 7.48 -1.44
CA GLU A 15 17.84 6.96 -1.00
C GLU A 15 18.83 8.10 -0.75
N GLU A 16 19.32 8.17 0.49
CA GLU A 16 20.22 9.23 0.97
C GLU A 16 21.50 9.32 0.15
N GLY A 17 22.07 8.17 -0.18
CA GLY A 17 23.33 8.09 -0.92
C GLY A 17 23.30 8.68 -2.31
N PHE A 18 22.27 8.33 -3.09
CA PHE A 18 22.10 8.87 -4.44
C PHE A 18 21.73 10.36 -4.43
N GLY A 19 21.05 10.77 -3.38
CA GLY A 19 20.70 12.18 -3.18
C GLY A 19 21.93 13.05 -2.98
N GLU A 20 22.89 12.55 -2.20
CA GLU A 20 24.16 13.24 -1.94
C GLU A 20 24.99 13.37 -3.21
N LEU A 21 24.91 12.37 -4.08
CA LEU A 21 25.62 12.36 -5.37
C LEU A 21 25.09 13.43 -6.31
N PHE A 22 23.77 13.58 -6.36
CA PHE A 22 23.14 14.58 -7.22
C PHE A 22 23.40 15.99 -6.72
N GLU A 23 23.35 16.16 -5.40
CA GLU A 23 23.61 17.44 -4.75
C GLU A 23 25.05 17.92 -5.02
N LYS A 24 26.00 17.00 -4.87
CA LYS A 24 27.41 17.26 -5.16
C LYS A 24 27.62 17.56 -6.65
N ALA A 25 27.00 16.74 -7.51
CA ALA A 25 27.13 16.88 -8.96
C ALA A 25 26.65 18.24 -9.47
N LYS A 26 25.62 18.79 -8.84
CA LYS A 26 25.06 20.07 -9.24
C LYS A 26 25.56 21.22 -8.36
N GLY A 50 18.76 5.78 -7.67
CA GLY A 50 19.03 6.05 -9.10
C GLY A 50 18.02 7.00 -9.72
N THR A 51 16.74 6.68 -9.55
CA THR A 51 15.64 7.52 -10.06
C THR A 51 15.19 8.50 -8.97
N PRO A 52 15.00 9.78 -9.34
CA PRO A 52 14.39 10.71 -8.39
C PRO A 52 12.89 10.48 -8.25
N VAL A 53 12.40 10.49 -7.00
CA VAL A 53 10.97 10.39 -6.72
C VAL A 53 10.25 11.66 -7.19
N LEU A 54 10.97 12.78 -7.17
CA LEU A 54 10.47 14.05 -7.67
C LEU A 54 11.60 14.78 -8.39
N LYS A 55 11.30 15.42 -9.51
CA LYS A 55 12.31 16.20 -10.21
C LYS A 55 11.80 17.51 -10.82
N ASP A 56 12.60 18.56 -10.61
CA ASP A 56 12.32 19.92 -11.11
C ASP A 56 10.91 20.38 -10.78
N ILE A 57 10.56 20.29 -9.49
CA ILE A 57 9.24 20.68 -9.01
C ILE A 57 9.22 22.20 -8.76
N ASN A 58 8.22 22.85 -9.33
CA ASN A 58 8.03 24.29 -9.20
C ASN A 58 6.59 24.64 -8.90
N PHE A 59 6.36 25.27 -7.75
CA PHE A 59 5.05 25.85 -7.43
C PHE A 59 5.18 26.94 -6.38
N LYS A 60 4.15 27.77 -6.30
CA LYS A 60 4.08 28.83 -5.29
C LYS A 60 2.63 28.98 -4.83
N ILE A 61 2.43 28.90 -3.52
CA ILE A 61 1.10 29.07 -2.93
C ILE A 61 1.13 30.21 -1.90
N GLU A 62 0.22 31.17 -2.06
CA GLU A 62 0.12 32.31 -1.14
C GLU A 62 -0.65 31.90 0.10
N ARG A 63 -0.58 32.73 1.14
CA ARG A 63 -1.33 32.52 2.37
C ARG A 63 -2.82 32.45 2.09
N GLY A 64 -3.47 31.43 2.64
CA GLY A 64 -4.92 31.25 2.50
C GLY A 64 -5.36 30.63 1.18
N GLN A 65 -4.41 30.14 0.39
CA GLN A 65 -4.72 29.53 -0.91
C GLN A 65 -4.82 28.01 -0.84
N LEU A 66 -5.46 27.44 -1.86
CA LEU A 66 -5.60 25.99 -2.01
C LEU A 66 -4.83 25.49 -3.23
N LEU A 67 -3.89 24.59 -2.98
CA LEU A 67 -3.19 23.86 -4.03
C LEU A 67 -3.75 22.45 -4.11
N ALA A 68 -4.16 22.06 -5.31
CA ALA A 68 -4.62 20.69 -5.54
C ALA A 68 -3.54 19.90 -6.28
N VAL A 69 -3.23 18.73 -5.74
CA VAL A 69 -2.19 17.87 -6.31
C VAL A 69 -2.84 16.60 -6.86
N ALA A 70 -2.65 16.37 -8.16
CA ALA A 70 -3.19 15.19 -8.83
C ALA A 70 -2.08 14.41 -9.51
N GLY A 71 -2.38 13.18 -9.92
CA GLY A 71 -1.43 12.39 -10.68
C GLY A 71 -1.52 10.88 -10.56
N SER A 72 -0.86 10.20 -11.49
CA SER A 72 -0.77 8.75 -11.54
C SER A 72 -0.26 8.15 -10.22
N THR A 73 -0.58 6.88 -9.97
CA THR A 73 -0.05 6.14 -8.83
C THR A 73 1.48 6.17 -8.84
N GLY A 74 2.06 6.51 -7.68
CA GLY A 74 3.51 6.53 -7.51
C GLY A 74 4.21 7.73 -8.12
N ALA A 75 3.44 8.73 -8.54
CA ALA A 75 4.00 9.96 -9.14
C ALA A 75 4.82 10.78 -8.15
N GLY A 76 4.55 10.60 -6.86
CA GLY A 76 5.27 11.30 -5.80
C GLY A 76 4.42 12.30 -5.05
N LYS A 77 3.10 12.11 -5.07
CA LYS A 77 2.16 13.01 -4.39
C LYS A 77 2.34 13.05 -2.86
N THR A 78 2.30 11.87 -2.22
CA THR A 78 2.58 11.73 -0.79
C THR A 78 4.03 12.15 -0.44
N SER A 79 4.97 11.81 -1.33
CA SER A 79 6.38 12.17 -1.16
C SER A 79 6.59 13.68 -1.13
N LEU A 80 5.82 14.41 -1.93
CA LEU A 80 5.86 15.87 -1.97
C LEU A 80 5.45 16.44 -0.60
N LEU A 81 4.36 15.91 -0.05
CA LEU A 81 3.91 16.25 1.29
C LEU A 81 4.98 15.94 2.34
N MET A 82 5.60 14.76 2.22
CA MET A 82 6.70 14.33 3.11
C MET A 82 7.89 15.27 3.06
N MET A 83 8.20 15.75 1.86
CA MET A 83 9.27 16.72 1.64
C MET A 83 8.96 18.04 2.37
N ILE A 84 7.72 18.48 2.28
CA ILE A 84 7.25 19.67 3.01
C ILE A 84 7.35 19.49 4.52
N MET A 85 7.15 18.25 4.98
CA MET A 85 7.25 17.90 6.40
C MET A 85 8.68 17.57 6.84
N GLY A 86 9.64 17.77 5.94
CA GLY A 86 11.06 17.52 6.24
C GLY A 86 11.47 16.06 6.37
N GLU A 87 10.58 15.15 5.96
CA GLU A 87 10.86 13.71 5.93
C GLU A 87 11.77 13.35 4.75
N LEU A 88 11.70 14.15 3.69
CA LEU A 88 12.52 13.98 2.50
C LEU A 88 13.13 15.34 2.18
N GLU A 89 14.43 15.36 1.97
CA GLU A 89 15.15 16.60 1.74
C GLU A 89 15.57 16.73 0.26
N PRO A 90 15.57 17.96 -0.29
CA PRO A 90 15.96 18.15 -1.69
C PRO A 90 17.47 17.98 -1.92
N SER A 91 17.81 17.51 -3.12
CA SER A 91 19.21 17.40 -3.55
C SER A 91 19.62 18.67 -4.30
N GLU A 92 18.70 19.20 -5.12
CA GLU A 92 18.87 20.52 -5.70
C GLU A 92 17.55 21.27 -5.73
N GLY A 93 17.64 22.60 -5.77
CA GLY A 93 16.47 23.46 -5.72
C GLY A 93 16.15 23.89 -4.30
N LYS A 94 15.11 24.71 -4.16
CA LYS A 94 14.76 25.28 -2.85
C LYS A 94 13.31 25.05 -2.46
N ILE A 95 13.12 24.69 -1.19
CA ILE A 95 11.80 24.70 -0.58
C ILE A 95 11.75 25.81 0.45
N LYS A 96 10.82 26.74 0.26
CA LYS A 96 10.61 27.81 1.23
C LYS A 96 9.24 27.66 1.89
N HIS A 97 9.28 27.34 3.18
CA HIS A 97 8.11 27.32 4.04
C HIS A 97 8.54 27.46 5.50
N SER A 98 7.76 28.21 6.26
CA SER A 98 7.95 28.32 7.68
C SER A 98 6.58 28.26 8.36
N GLY A 99 6.41 27.26 9.22
CA GLY A 99 5.16 27.13 9.96
C GLY A 99 4.90 25.74 10.49
N ARG A 100 3.85 25.62 11.29
CA ARG A 100 3.44 24.34 11.85
C ARG A 100 2.60 23.60 10.83
N ILE A 101 2.85 22.31 10.67
CA ILE A 101 2.14 21.50 9.69
C ILE A 101 1.12 20.57 10.34
N SER A 102 -0.10 20.57 9.77
CA SER A 102 -1.12 19.60 10.12
C SER A 102 -1.31 18.64 8.94
N PHE A 103 -1.14 17.35 9.20
CA PHE A 103 -1.13 16.33 8.15
C PHE A 103 -2.33 15.37 8.31
N CYS A 104 -3.07 15.19 7.22
CA CYS A 104 -4.17 14.25 7.18
C CYS A 104 -3.85 13.16 6.16
N SER A 105 -3.46 11.98 6.64
CA SER A 105 -3.06 10.87 5.77
C SER A 105 -4.23 10.23 5.04
N GLN A 106 -3.93 9.53 3.95
CA GLN A 106 -4.94 8.85 3.16
C GLN A 106 -5.54 7.62 3.85
N ASN A 107 -4.97 7.27 5.01
CA ASN A 107 -5.48 6.18 5.84
C ASN A 107 -5.83 6.66 7.24
N SER A 108 -7.13 6.73 7.52
CA SER A 108 -7.65 7.22 8.79
C SER A 108 -7.17 6.39 9.99
N TRP A 109 -7.04 7.07 11.13
CA TRP A 109 -6.63 6.43 12.38
C TRP A 109 -7.52 6.92 13.53
N ILE A 110 -7.81 6.02 14.46
CA ILE A 110 -8.65 6.32 15.61
C ILE A 110 -7.94 5.95 16.91
N MET A 111 -7.74 6.95 17.77
CA MET A 111 -7.20 6.76 19.10
C MET A 111 -8.25 6.15 20.01
N PRO A 112 -7.87 5.14 20.82
CA PRO A 112 -8.76 4.67 21.88
C PRO A 112 -9.05 5.78 22.90
N GLY A 113 -10.21 6.40 22.74
CA GLY A 113 -10.61 7.54 23.56
C GLY A 113 -11.93 8.08 23.03
N THR A 114 -12.38 9.20 23.59
CA THR A 114 -13.65 9.78 23.16
C THR A 114 -13.55 10.43 21.77
N ILE A 115 -14.70 10.73 21.17
CA ILE A 115 -14.74 11.42 19.87
C ILE A 115 -14.11 12.81 20.01
N LYS A 116 -14.48 13.51 21.07
CA LYS A 116 -13.95 14.84 21.37
C LYS A 116 -12.42 14.85 21.42
N GLU A 117 -11.85 13.96 22.22
CA GLU A 117 -10.40 13.83 22.38
C GLU A 117 -9.70 13.46 21.06
N ASN A 118 -10.33 12.60 20.28
CA ASN A 118 -9.84 12.24 18.96
C ASN A 118 -9.70 13.44 18.02
N ILE A 119 -10.57 14.43 18.21
CA ILE A 119 -10.59 15.62 17.37
C ILE A 119 -9.74 16.76 17.94
N ILE A 120 -9.81 16.98 19.26
CA ILE A 120 -9.16 18.13 19.90
C ILE A 120 -7.76 17.85 20.47
N GLY A 121 -7.50 16.59 20.80
CA GLY A 121 -6.28 16.22 21.51
C GLY A 121 -6.46 16.56 22.98
N VAL A 122 -5.87 17.67 23.41
CA VAL A 122 -6.04 18.15 24.78
C VAL A 122 -6.48 19.64 24.83
N SER A 123 -6.17 20.37 23.77
CA SER A 123 -6.50 21.80 23.68
C SER A 123 -7.95 21.98 23.24
N TYR A 124 -8.77 22.55 24.12
CA TYR A 124 -10.19 22.75 23.83
C TYR A 124 -10.54 24.21 23.49
N ASP A 125 -11.32 24.37 22.43
CA ASP A 125 -11.84 25.65 21.97
C ASP A 125 -13.25 25.39 21.45
N GLU A 126 -14.25 25.72 22.25
CA GLU A 126 -15.65 25.38 21.95
C GLU A 126 -16.13 25.82 20.57
N TYR A 127 -15.86 27.07 20.21
CA TYR A 127 -16.30 27.63 18.94
C TYR A 127 -15.60 26.99 17.74
N ARG A 128 -14.29 26.76 17.87
CA ARG A 128 -13.52 26.04 16.86
C ARG A 128 -14.01 24.59 16.74
N TYR A 129 -14.26 23.96 17.88
CA TYR A 129 -14.75 22.57 17.94
C TYR A 129 -16.07 22.38 17.20
N ARG A 130 -17.05 23.25 17.49
CA ARG A 130 -18.39 23.14 16.91
C ARG A 130 -18.40 23.43 15.41
N SER A 131 -17.59 24.41 15.00
CA SER A 131 -17.36 24.72 13.59
C SER A 131 -16.86 23.49 12.83
N VAL A 132 -15.86 22.82 13.40
CA VAL A 132 -15.22 21.67 12.76
C VAL A 132 -16.17 20.47 12.63
N ILE A 133 -16.88 20.14 13.70
CA ILE A 133 -17.80 18.99 13.68
C ILE A 133 -19.01 19.21 12.76
N LYS A 134 -19.47 20.45 12.65
CA LYS A 134 -20.51 20.83 11.69
C LYS A 134 -19.99 20.68 10.25
N ALA A 135 -18.81 21.23 9.99
CA ALA A 135 -18.20 21.22 8.66
C ALA A 135 -17.81 19.82 8.17
N CYS A 136 -17.61 18.90 9.11
CA CYS A 136 -17.31 17.50 8.81
C CYS A 136 -18.52 16.58 9.02
N GLN A 137 -19.69 17.18 9.22
CA GLN A 137 -20.98 16.46 9.31
C GLN A 137 -21.02 15.41 10.44
N LEU A 138 -20.36 15.70 11.55
CA LEU A 138 -20.23 14.75 12.65
C LEU A 138 -21.28 14.94 13.75
N GLU A 139 -22.10 15.98 13.62
CA GLU A 139 -23.14 16.27 14.61
C GLU A 139 -24.16 15.13 14.72
N GLU A 140 -24.65 14.68 13.57
CA GLU A 140 -25.58 13.57 13.50
C GLU A 140 -24.99 12.27 14.08
N ASP A 141 -23.70 12.06 13.87
CA ASP A 141 -22.99 10.89 14.40
C ASP A 141 -22.85 10.95 15.92
N ILE A 142 -22.55 12.14 16.45
CA ILE A 142 -22.40 12.36 17.88
C ILE A 142 -23.75 12.20 18.62
N SER A 143 -24.83 12.69 18.01
CA SER A 143 -26.17 12.63 18.61
C SER A 143 -26.72 11.21 18.76
N LYS A 144 -26.07 10.24 18.12
CA LYS A 144 -26.52 8.85 18.14
C LYS A 144 -26.29 8.15 19.48
N PHE A 145 -25.40 8.72 20.30
CA PHE A 145 -24.98 8.08 21.55
C PHE A 145 -25.43 8.86 22.78
N ALA A 146 -25.66 8.14 23.87
CA ALA A 146 -26.07 8.75 25.14
C ALA A 146 -24.98 9.64 25.73
N GLU A 147 -23.73 9.18 25.64
CA GLU A 147 -22.57 9.93 26.14
C GLU A 147 -22.19 11.09 25.20
N LYS A 148 -22.80 11.12 24.01
CA LYS A 148 -22.50 12.11 22.97
C LYS A 148 -21.03 12.04 22.53
N ASP A 149 -20.32 13.17 22.55
CA ASP A 149 -18.90 13.15 22.18
C ASP A 149 -17.96 12.59 23.25
N ASN A 150 -18.55 12.15 24.37
CA ASN A 150 -17.81 11.42 25.41
C ASN A 150 -17.78 9.91 25.14
N ILE A 151 -18.40 9.49 24.05
CA ILE A 151 -18.42 8.07 23.68
C ILE A 151 -17.00 7.59 23.37
N VAL A 152 -16.64 6.45 23.95
CA VAL A 152 -15.29 5.92 23.86
C VAL A 152 -15.10 5.06 22.61
N LEU A 153 -14.15 5.45 21.77
CA LEU A 153 -13.86 4.74 20.53
C LEU A 153 -12.72 3.74 20.70
N GLY A 154 -12.45 2.96 19.65
CA GLY A 154 -11.38 1.97 19.66
C GLY A 154 -11.86 0.62 20.14
N GLY A 157 -14.62 -1.30 22.86
CA GLY A 157 -14.97 0.06 22.45
C GLY A 157 -15.87 0.11 21.23
N ILE A 158 -16.38 1.30 20.92
CA ILE A 158 -17.28 1.51 19.78
C ILE A 158 -16.53 1.43 18.46
N THR A 159 -17.08 0.67 17.52
CA THR A 159 -16.49 0.50 16.19
C THR A 159 -17.21 1.35 15.14
N LEU A 160 -16.42 1.98 14.27
CA LEU A 160 -16.93 2.95 13.30
C LEU A 160 -16.73 2.49 11.86
N SER A 161 -17.59 2.98 10.97
CA SER A 161 -17.47 2.73 9.55
C SER A 161 -16.29 3.50 8.97
N GLY A 162 -15.88 3.13 7.76
CA GLY A 162 -14.79 3.80 7.06
C GLY A 162 -15.02 5.30 6.96
N GLY A 163 -16.20 5.68 6.48
CA GLY A 163 -16.58 7.09 6.32
C GLY A 163 -16.58 7.91 7.60
N GLN A 164 -17.00 7.30 8.71
CA GLN A 164 -16.98 7.95 10.03
C GLN A 164 -15.56 8.15 10.52
N ARG A 165 -14.71 7.15 10.30
CA ARG A 165 -13.29 7.20 10.65
C ARG A 165 -12.56 8.27 9.83
N ALA A 166 -12.88 8.34 8.54
CA ALA A 166 -12.32 9.35 7.64
C ALA A 166 -12.65 10.77 8.11
N ARG A 167 -13.92 10.98 8.48
CA ARG A 167 -14.40 12.31 8.89
C ARG A 167 -13.86 12.77 10.23
N ILE A 168 -13.63 11.83 11.14
CA ILE A 168 -13.00 12.12 12.43
C ILE A 168 -11.53 12.50 12.25
N SER A 169 -10.84 11.77 11.36
CA SER A 169 -9.44 12.07 11.06
C SER A 169 -9.29 13.45 10.43
N LEU A 170 -10.17 13.76 9.48
CA LEU A 170 -10.18 15.07 8.83
C LEU A 170 -10.47 16.19 9.82
N ALA A 171 -11.48 15.99 10.67
CA ALA A 171 -11.81 16.94 11.73
C ALA A 171 -10.65 17.16 12.70
N ARG A 172 -9.92 16.09 13.01
CA ARG A 172 -8.74 16.16 13.86
C ARG A 172 -7.67 17.05 13.22
N ALA A 173 -7.37 16.77 11.95
CA ALA A 173 -6.39 17.52 11.18
C ALA A 173 -6.75 18.99 11.04
N VAL A 174 -8.04 19.27 10.83
CA VAL A 174 -8.53 20.63 10.60
C VAL A 174 -8.64 21.45 11.89
N TYR A 175 -8.94 20.76 13.00
CA TYR A 175 -9.07 21.41 14.30
C TYR A 175 -7.74 21.94 14.79
N LYS A 176 -6.69 21.13 14.60
CA LYS A 176 -5.33 21.46 15.00
C LYS A 176 -4.95 22.88 14.56
N ASP A 177 -4.39 23.65 15.49
CA ASP A 177 -3.81 24.96 15.21
C ASP A 177 -2.50 24.77 14.46
N ALA A 178 -2.53 25.01 13.15
CA ALA A 178 -1.35 24.89 12.29
C ALA A 178 -1.34 25.98 11.23
N ASP A 179 -0.23 26.11 10.52
CA ASP A 179 -0.04 27.14 9.50
C ASP A 179 -0.20 26.60 8.08
N LEU A 180 -0.12 25.28 7.95
CA LEU A 180 -0.25 24.62 6.66
C LEU A 180 -0.94 23.29 6.85
N TYR A 181 -1.98 23.06 6.05
CA TYR A 181 -2.77 21.85 6.14
C TYR A 181 -2.53 20.99 4.92
N LEU A 182 -2.03 19.78 5.16
CA LEU A 182 -1.72 18.83 4.09
C LEU A 182 -2.71 17.66 4.14
N LEU A 183 -3.59 17.60 3.15
CA LEU A 183 -4.69 16.64 3.16
C LEU A 183 -4.53 15.63 2.02
N ASP A 184 -3.92 14.49 2.35
CA ASP A 184 -3.60 13.47 1.36
C ASP A 184 -4.80 12.56 1.16
N SER A 185 -5.59 12.85 0.11
CA SER A 185 -6.79 12.07 -0.24
C SER A 185 -7.58 11.65 1.00
N PRO A 186 -8.21 12.62 1.69
CA PRO A 186 -8.82 12.32 2.98
C PRO A 186 -10.29 11.87 2.92
N PHE A 187 -10.84 11.74 1.71
CA PHE A 187 -12.27 11.49 1.54
C PHE A 187 -12.63 10.03 1.17
N GLY A 188 -11.77 9.10 1.57
CA GLY A 188 -11.99 7.68 1.34
C GLY A 188 -13.19 7.12 2.10
N TYR A 189 -13.87 6.16 1.48
CA TYR A 189 -15.05 5.49 2.05
C TYR A 189 -16.26 6.42 2.25
N LEU A 190 -16.20 7.62 1.67
CA LEU A 190 -17.33 8.52 1.60
C LEU A 190 -17.96 8.44 0.22
N ASP A 191 -19.30 8.47 0.17
CA ASP A 191 -20.02 8.49 -1.10
C ASP A 191 -19.85 9.81 -1.83
N VAL A 192 -20.15 9.82 -3.13
CA VAL A 192 -19.94 10.99 -3.99
C VAL A 192 -20.55 12.28 -3.41
N LEU A 193 -21.79 12.18 -2.93
CA LEU A 193 -22.52 13.34 -2.41
C LEU A 193 -21.91 13.89 -1.12
N THR A 194 -21.53 12.99 -0.21
CA THR A 194 -20.93 13.38 1.07
C THR A 194 -19.57 14.05 0.88
N GLU A 195 -18.74 13.47 0.01
CA GLU A 195 -17.44 14.05 -0.34
C GLU A 195 -17.57 15.45 -0.91
N LYS A 196 -18.63 15.69 -1.69
CA LYS A 196 -18.87 16.99 -2.31
C LYS A 196 -19.22 18.04 -1.27
N GLU A 197 -20.13 17.69 -0.36
CA GLU A 197 -20.62 18.60 0.68
C GLU A 197 -19.52 19.00 1.64
N ILE A 198 -18.70 18.03 2.03
CA ILE A 198 -17.62 18.25 2.98
C ILE A 198 -16.45 18.99 2.34
N PHE A 199 -16.11 18.67 1.10
CA PHE A 199 -15.10 19.45 0.39
C PHE A 199 -15.48 20.92 0.36
N GLU A 200 -16.78 21.18 0.17
CA GLU A 200 -17.31 22.54 0.15
C GLU A 200 -17.34 23.17 1.55
N SER A 201 -17.91 22.47 2.52
CA SER A 201 -18.06 22.98 3.89
C SER A 201 -16.75 23.07 4.67
N CYS A 202 -15.93 22.02 4.59
CA CYS A 202 -14.65 22.00 5.30
C CYS A 202 -13.55 22.72 4.52
N VAL A 203 -13.11 22.12 3.41
CA VAL A 203 -11.94 22.60 2.66
C VAL A 203 -12.12 23.99 2.02
N CYS A 204 -13.31 24.25 1.47
CA CYS A 204 -13.58 25.53 0.82
C CYS A 204 -14.06 26.63 1.77
N LYS A 205 -15.05 26.33 2.60
CA LYS A 205 -15.61 27.31 3.53
C LYS A 205 -14.79 27.48 4.82
N LEU A 206 -14.85 26.51 5.72
CA LEU A 206 -14.19 26.60 7.02
C LEU A 206 -12.70 26.94 6.93
N MET A 207 -12.02 26.36 5.94
CA MET A 207 -10.59 26.52 5.78
C MET A 207 -10.21 27.58 4.75
N ALA A 208 -11.12 28.52 4.49
CA ALA A 208 -10.93 29.56 3.46
C ALA A 208 -9.68 30.41 3.62
N ASN A 209 -9.31 30.71 4.87
CA ASN A 209 -8.14 31.54 5.16
C ASN A 209 -6.89 30.76 5.54
N LYS A 210 -6.97 29.44 5.49
CA LYS A 210 -5.84 28.56 5.80
C LYS A 210 -5.11 28.15 4.53
N THR A 211 -3.77 28.13 4.61
CA THR A 211 -2.94 27.59 3.54
C THR A 211 -3.03 26.06 3.59
N ARG A 212 -3.37 25.46 2.46
CA ARG A 212 -3.64 24.03 2.42
C ARG A 212 -3.29 23.38 1.09
N ILE A 213 -2.90 22.11 1.16
CA ILE A 213 -2.59 21.32 -0.03
C ILE A 213 -3.42 20.05 0.00
N LEU A 214 -4.19 19.85 -1.07
CA LEU A 214 -5.08 18.70 -1.18
C LEU A 214 -4.62 17.77 -2.29
N VAL A 215 -4.40 16.51 -1.95
CA VAL A 215 -4.16 15.47 -2.93
C VAL A 215 -5.50 14.88 -3.36
N THR A 216 -5.79 14.93 -4.66
CA THR A 216 -7.09 14.51 -5.18
C THR A 216 -6.99 13.99 -6.61
N SER A 217 -8.01 13.25 -7.04
CA SER A 217 -8.18 12.91 -8.45
C SER A 217 -9.59 13.28 -8.90
N LYS A 218 -10.12 14.34 -8.29
CA LYS A 218 -11.46 14.83 -8.58
C LYS A 218 -11.32 16.14 -9.37
N MET A 219 -11.86 16.17 -10.59
CA MET A 219 -11.76 17.34 -11.46
C MET A 219 -12.45 18.57 -10.85
N GLU A 220 -13.49 18.33 -10.06
CA GLU A 220 -14.19 19.38 -9.32
C GLU A 220 -13.26 20.13 -8.37
N HIS A 221 -12.36 19.40 -7.70
CA HIS A 221 -11.44 20.00 -6.73
C HIS A 221 -10.33 20.80 -7.39
N LEU A 222 -9.89 20.37 -8.57
CA LEU A 222 -8.89 21.10 -9.33
C LEU A 222 -9.47 22.42 -9.82
N LYS A 223 -10.76 22.37 -10.18
CA LYS A 223 -11.52 23.53 -10.64
C LYS A 223 -11.60 24.60 -9.55
N LYS A 224 -11.90 24.17 -8.32
CA LYS A 224 -12.11 25.08 -7.19
C LYS A 224 -10.80 25.54 -6.53
N ALA A 225 -9.70 24.93 -6.93
CA ALA A 225 -8.39 25.24 -6.37
C ALA A 225 -7.83 26.56 -6.91
N ASP A 226 -7.02 27.22 -6.10
CA ASP A 226 -6.32 28.43 -6.51
C ASP A 226 -5.19 28.11 -7.49
N LYS A 227 -4.44 27.05 -7.22
CA LYS A 227 -3.47 26.50 -8.15
C LYS A 227 -3.62 24.97 -8.21
N ILE A 228 -3.10 24.37 -9.28
CA ILE A 228 -3.03 22.90 -9.37
C ILE A 228 -1.61 22.43 -9.74
N LEU A 229 -1.29 21.20 -9.35
CA LEU A 229 -0.04 20.57 -9.76
C LEU A 229 -0.35 19.12 -10.14
N ILE A 230 -0.06 18.78 -11.39
CA ILE A 230 -0.30 17.43 -11.90
C ILE A 230 1.04 16.74 -12.06
N LEU A 231 1.21 15.63 -11.33
CA LEU A 231 2.46 14.87 -11.33
C LEU A 231 2.37 13.55 -12.10
N HIS A 232 3.49 13.14 -12.69
CA HIS A 232 3.59 11.90 -13.44
C HIS A 232 5.04 11.41 -13.43
N GLU A 233 5.27 10.25 -12.80
CA GLU A 233 6.60 9.63 -12.69
C GLU A 233 7.66 10.59 -12.12
N GLY A 234 7.26 11.36 -11.10
CA GLY A 234 8.13 12.33 -10.46
C GLY A 234 8.20 13.69 -11.12
N SER A 235 7.63 13.81 -12.32
CA SER A 235 7.71 15.05 -13.08
C SER A 235 6.41 15.85 -13.05
N SER A 236 6.57 17.17 -13.05
CA SER A 236 5.45 18.09 -13.13
C SER A 236 4.93 18.14 -14.56
N TYR A 237 3.73 17.59 -14.76
CA TYR A 237 3.07 17.66 -16.06
C TYR A 237 2.52 19.07 -16.30
N PHE A 238 1.98 19.67 -15.24
CA PHE A 238 1.40 21.00 -15.30
C PHE A 238 1.32 21.62 -13.91
N TYR A 239 1.79 22.86 -13.80
CA TYR A 239 1.48 23.73 -12.66
C TYR A 239 0.86 25.04 -13.13
N GLY A 240 -0.26 25.40 -12.51
CA GLY A 240 -0.97 26.63 -12.81
C GLY A 240 -2.41 26.58 -12.34
N THR A 241 -3.27 27.40 -12.94
CA THR A 241 -4.70 27.38 -12.63
C THR A 241 -5.44 26.40 -13.54
N PHE A 242 -6.68 26.09 -13.18
CA PHE A 242 -7.52 25.20 -13.98
C PHE A 242 -7.91 25.87 -15.30
N SER A 243 -8.01 27.20 -15.28
CA SER A 243 -8.26 27.98 -16.49
C SER A 243 -7.05 27.93 -17.43
N GLU A 244 -5.85 27.98 -16.84
CA GLU A 244 -4.62 27.80 -17.60
C GLU A 244 -4.51 26.39 -18.17
N LEU A 245 -5.08 25.42 -17.46
CA LEU A 245 -5.15 24.04 -17.94
C LEU A 245 -6.10 23.94 -19.13
N GLN A 246 -7.14 24.77 -19.14
CA GLN A 246 -8.05 24.89 -20.28
C GLN A 246 -7.34 25.55 -21.46
N ASN A 247 -6.50 26.54 -21.17
CA ASN A 247 -5.75 27.27 -22.19
C ASN A 247 -4.63 26.46 -22.83
N LEU A 248 -3.79 25.85 -21.99
CA LEU A 248 -2.60 25.15 -22.46
C LEU A 248 -2.85 23.70 -22.85
N ARG A 249 -3.79 23.05 -22.15
CA ARG A 249 -4.06 21.62 -22.36
C ARG A 249 -5.54 21.34 -22.72
N PRO A 250 -5.95 21.65 -23.97
CA PRO A 250 -7.34 21.37 -24.35
C PRO A 250 -7.61 19.90 -24.66
N ASP A 251 -6.62 19.20 -25.24
CA ASP A 251 -6.72 17.78 -25.55
C ASP A 251 -6.59 16.92 -24.29
N PHE A 252 -5.93 17.45 -23.27
CA PHE A 252 -5.82 16.80 -21.97
C PHE A 252 -7.12 16.96 -21.18
N SER A 253 -7.71 18.15 -21.24
CA SER A 253 -8.96 18.45 -20.55
C SER A 253 -10.13 17.63 -21.08
N SER A 254 -10.15 17.40 -22.39
CA SER A 254 -11.17 16.57 -23.03
C SER A 254 -10.90 15.10 -22.79
N ASP A 260 -17.63 16.13 -16.07
CA ASP A 260 -19.04 15.78 -15.87
C ASP A 260 -19.20 14.39 -15.23
N SER A 261 -18.90 13.34 -15.98
CA SER A 261 -19.06 11.98 -15.50
C SER A 261 -17.75 11.37 -14.98
N PHE A 262 -16.66 12.14 -15.04
CA PHE A 262 -15.35 11.67 -14.60
C PHE A 262 -15.31 11.45 -13.09
N ASP A 263 -15.81 12.42 -12.33
CA ASP A 263 -15.82 12.34 -10.87
C ASP A 263 -16.78 11.27 -10.33
N GLN A 264 -17.62 10.75 -11.23
CA GLN A 264 -18.53 9.66 -10.90
C GLN A 264 -17.81 8.32 -10.90
N PHE A 265 -16.70 8.23 -11.65
CA PHE A 265 -15.89 7.01 -11.67
C PHE A 265 -15.19 6.78 -10.33
N SER A 266 -14.91 5.51 -10.03
CA SER A 266 -14.26 5.14 -8.77
C SER A 266 -12.82 5.66 -8.70
N ALA A 267 -12.29 5.73 -7.49
CA ALA A 267 -10.90 6.15 -7.26
C ALA A 267 -9.92 5.39 -8.17
N GLU A 268 -10.12 4.08 -8.26
CA GLU A 268 -9.27 3.20 -9.08
C GLU A 268 -9.40 3.51 -10.57
N ARG A 269 -10.64 3.75 -11.01
CA ARG A 269 -10.90 4.08 -12.41
C ARG A 269 -10.42 5.48 -12.77
N ARG A 270 -10.68 6.45 -11.90
CA ARG A 270 -10.20 7.83 -12.10
C ARG A 270 -8.69 7.86 -12.21
N ASN A 271 -8.03 6.99 -11.43
CA ASN A 271 -6.57 6.88 -11.43
C ASN A 271 -6.00 6.35 -12.74
N SER A 272 -6.60 5.28 -13.27
CA SER A 272 -6.11 4.66 -14.51
C SER A 272 -6.48 5.43 -15.78
N ILE A 273 -7.49 6.28 -15.71
CA ILE A 273 -7.79 7.19 -16.81
C ILE A 273 -6.79 8.35 -16.82
N LEU A 274 -6.54 8.92 -15.64
CA LEU A 274 -5.54 9.97 -15.51
C LEU A 274 -4.14 9.48 -15.85
N THR A 275 -3.79 8.26 -15.40
CA THR A 275 -2.50 7.65 -15.70
C THR A 275 -2.25 7.55 -17.21
N GLU A 276 -3.22 7.00 -17.94
CA GLU A 276 -3.07 6.79 -19.38
C GLU A 276 -2.91 8.10 -20.16
N THR A 277 -3.68 9.12 -19.77
CA THR A 277 -3.65 10.43 -20.42
C THR A 277 -2.30 11.11 -20.20
N LEU A 278 -1.71 10.89 -19.04
CA LEU A 278 -0.38 11.43 -18.72
C LEU A 278 0.72 10.70 -19.50
N HIS A 279 0.52 9.40 -19.75
CA HIS A 279 1.46 8.60 -20.54
C HIS A 279 1.47 8.98 -22.01
N ARG A 280 0.28 9.16 -22.58
CA ARG A 280 0.14 9.63 -23.97
C ARG A 280 0.83 10.98 -24.19
N PHE A 281 0.66 11.89 -23.23
CA PHE A 281 1.26 13.22 -23.32
C PHE A 281 2.20 13.48 -22.14
N THR B 2 13.49 -0.85 -7.14
CA THR B 2 12.36 -1.81 -7.37
C THR B 2 11.70 -1.61 -8.74
N THR B 3 10.60 -2.34 -8.96
CA THR B 3 9.96 -2.43 -10.27
C THR B 3 8.47 -2.70 -10.14
N GLU B 4 7.75 -2.71 -11.26
CA GLU B 4 6.36 -3.16 -11.25
C GLU B 4 6.17 -4.49 -12.00
N VAL B 5 5.06 -5.16 -11.68
CA VAL B 5 4.73 -6.45 -12.28
C VAL B 5 3.36 -6.34 -12.93
N VAL B 6 3.28 -6.76 -14.19
CA VAL B 6 2.03 -6.72 -14.95
C VAL B 6 1.68 -8.12 -15.45
N MET B 7 0.44 -8.53 -15.24
CA MET B 7 -0.08 -9.74 -15.88
C MET B 7 -1.36 -9.40 -16.64
N GLU B 8 -1.31 -9.65 -17.95
CA GLU B 8 -2.45 -9.40 -18.82
C GLU B 8 -2.89 -10.71 -19.46
N ASN B 9 -4.09 -11.16 -19.10
CA ASN B 9 -4.75 -12.32 -19.70
C ASN B 9 -3.91 -13.60 -19.68
N VAL B 10 -3.19 -13.82 -18.58
CA VAL B 10 -2.24 -14.93 -18.49
C VAL B 10 -2.88 -16.26 -18.14
N THR B 11 -2.69 -17.24 -19.02
CA THR B 11 -3.08 -18.63 -18.78
C THR B 11 -1.81 -19.46 -18.94
N ALA B 12 -1.63 -20.46 -18.08
CA ALA B 12 -0.43 -21.30 -18.09
C ALA B 12 -0.70 -22.76 -17.78
N PHE B 13 0.12 -23.63 -18.36
CA PHE B 13 0.04 -25.07 -18.18
C PHE B 13 1.41 -25.60 -17.78
N TRP B 14 1.48 -26.38 -16.70
CA TRP B 14 2.67 -27.17 -16.41
C TRP B 14 2.77 -28.24 -17.50
N GLU B 15 3.97 -28.47 -18.01
CA GLU B 15 4.14 -29.43 -19.11
C GLU B 15 3.97 -30.86 -18.61
N GLU B 16 3.26 -31.65 -19.42
CA GLU B 16 2.94 -33.03 -19.09
C GLU B 16 3.18 -33.91 -20.30
N GLY B 17 3.53 -35.16 -20.05
CA GLY B 17 3.66 -36.16 -21.11
C GLY B 17 2.32 -36.40 -21.78
N PHE B 18 2.35 -36.93 -23.01
CA PHE B 18 1.13 -37.19 -23.76
C PHE B 18 0.23 -38.21 -23.06
N GLY B 19 0.85 -39.24 -22.47
CA GLY B 19 0.12 -40.28 -21.74
C GLY B 19 -0.84 -39.75 -20.70
N GLU B 20 -0.39 -38.76 -19.93
CA GLU B 20 -1.23 -38.08 -18.94
C GLU B 20 -2.29 -37.21 -19.61
N LEU B 21 -1.90 -36.46 -20.64
CA LEU B 21 -2.82 -35.65 -21.44
C LEU B 21 -3.91 -36.50 -22.09
N PHE B 22 -3.52 -37.68 -22.57
CA PHE B 22 -4.44 -38.64 -23.18
C PHE B 22 -5.47 -39.14 -22.15
N GLU B 23 -4.96 -39.52 -20.97
CA GLU B 23 -5.78 -39.96 -19.83
C GLU B 23 -6.88 -38.94 -19.51
N LYS B 24 -6.50 -37.69 -19.23
CA LYS B 24 -7.47 -36.67 -18.82
C LYS B 24 -8.39 -36.23 -19.96
N ALA B 25 -7.89 -36.29 -21.20
CA ALA B 25 -8.72 -36.07 -22.37
C ALA B 25 -9.88 -37.08 -22.43
N LYS B 26 -9.58 -38.34 -22.07
CA LYS B 26 -10.62 -39.37 -21.99
C LYS B 26 -11.61 -39.09 -20.86
N GLN B 27 -11.10 -38.67 -19.71
CA GLN B 27 -11.90 -38.44 -18.50
C GLN B 27 -13.06 -37.46 -18.69
N ASN B 28 -12.81 -36.35 -19.38
CA ASN B 28 -13.81 -35.29 -19.51
C ASN B 28 -14.54 -35.25 -20.85
N ASN B 29 -13.93 -35.81 -21.89
CA ASN B 29 -14.60 -35.96 -23.18
C ASN B 29 -15.61 -37.09 -23.18
N ASN B 30 -15.34 -38.13 -22.38
CA ASN B 30 -16.23 -39.30 -22.28
C ASN B 30 -17.39 -39.11 -21.29
N ASN B 31 -17.13 -38.38 -20.20
CA ASN B 31 -18.14 -38.15 -19.16
C ASN B 31 -18.95 -36.87 -19.35
N THR B 51 -5.88 -29.05 -18.80
CA THR B 51 -6.28 -28.27 -17.64
C THR B 51 -5.19 -27.25 -17.27
N PRO B 52 -5.53 -25.96 -17.33
CA PRO B 52 -4.57 -24.90 -16.98
C PRO B 52 -4.40 -24.74 -15.47
N VAL B 53 -3.15 -24.63 -15.01
CA VAL B 53 -2.86 -24.38 -13.61
C VAL B 53 -3.25 -22.95 -13.22
N LEU B 54 -3.20 -22.03 -14.20
CA LEU B 54 -3.64 -20.65 -14.02
C LEU B 54 -4.44 -20.20 -15.23
N LYS B 55 -5.48 -19.41 -14.99
CA LYS B 55 -6.46 -19.06 -16.02
C LYS B 55 -6.80 -17.58 -16.02
N ASP B 56 -6.55 -16.93 -17.15
CA ASP B 56 -6.90 -15.51 -17.37
C ASP B 56 -6.54 -14.61 -16.18
N ILE B 57 -5.29 -14.69 -15.74
CA ILE B 57 -4.86 -13.93 -14.57
C ILE B 57 -4.49 -12.50 -14.96
N ASN B 58 -5.18 -11.55 -14.35
CA ASN B 58 -4.93 -10.13 -14.56
C ASN B 58 -4.64 -9.44 -13.24
N PHE B 59 -3.47 -8.79 -13.17
CA PHE B 59 -3.17 -7.85 -12.10
C PHE B 59 -2.05 -6.90 -12.52
N LYS B 60 -1.98 -5.77 -11.82
CA LYS B 60 -0.85 -4.86 -11.91
C LYS B 60 -0.49 -4.40 -10.51
N ILE B 61 0.79 -4.56 -10.16
CA ILE B 61 1.31 -4.07 -8.89
C ILE B 61 2.40 -3.05 -9.15
N GLU B 62 2.23 -1.86 -8.57
CA GLU B 62 3.16 -0.75 -8.76
C GLU B 62 4.41 -0.93 -7.89
N ARG B 63 5.44 -0.14 -8.18
CA ARG B 63 6.67 -0.12 -7.40
C ARG B 63 6.36 0.14 -5.93
N GLY B 64 6.92 -0.69 -5.05
CA GLY B 64 6.78 -0.49 -3.61
C GLY B 64 5.48 -0.96 -2.99
N GLN B 65 4.63 -1.62 -3.76
CA GLN B 65 3.34 -2.11 -3.26
C GLN B 65 3.43 -3.56 -2.78
N LEU B 66 2.51 -3.94 -1.88
CA LEU B 66 2.37 -5.33 -1.46
C LEU B 66 1.15 -5.96 -2.12
N LEU B 67 1.35 -7.14 -2.70
CA LEU B 67 0.24 -7.97 -3.17
C LEU B 67 0.13 -9.21 -2.31
N ALA B 68 -1.02 -9.37 -1.66
CA ALA B 68 -1.29 -10.59 -0.90
C ALA B 68 -2.04 -11.58 -1.78
N VAL B 69 -1.42 -12.74 -2.01
CA VAL B 69 -2.07 -13.81 -2.74
C VAL B 69 -2.62 -14.81 -1.74
N ALA B 70 -3.92 -15.09 -1.85
CA ALA B 70 -4.61 -16.07 -1.02
C ALA B 70 -5.49 -16.97 -1.88
N GLY B 71 -6.04 -18.01 -1.26
CA GLY B 71 -6.92 -18.92 -1.95
C GLY B 71 -6.78 -20.35 -1.48
N SER B 72 -7.48 -21.25 -2.17
CA SER B 72 -7.55 -22.66 -1.79
C SER B 72 -6.25 -23.43 -2.08
N THR B 73 -6.20 -24.68 -1.59
CA THR B 73 -5.08 -25.58 -1.84
C THR B 73 -5.05 -25.98 -3.31
N GLY B 74 -3.88 -25.86 -3.93
CA GLY B 74 -3.71 -26.19 -5.34
C GLY B 74 -4.36 -25.19 -6.28
N ALA B 75 -4.69 -24.01 -5.76
CA ALA B 75 -5.32 -22.95 -6.56
C ALA B 75 -4.36 -22.32 -7.56
N GLY B 76 -3.06 -22.52 -7.34
CA GLY B 76 -2.03 -22.07 -8.26
C GLY B 76 -1.24 -20.88 -7.74
N LYS B 77 -1.10 -20.80 -6.41
CA LYS B 77 -0.40 -19.70 -5.75
C LYS B 77 1.13 -19.76 -5.94
N THR B 78 1.73 -20.91 -5.62
CA THR B 78 3.15 -21.14 -5.89
C THR B 78 3.46 -21.04 -7.39
N SER B 79 2.59 -21.66 -8.20
CA SER B 79 2.68 -21.60 -9.67
C SER B 79 2.70 -20.17 -10.21
N LEU B 80 1.91 -19.27 -9.61
CA LEU B 80 1.93 -17.85 -9.95
C LEU B 80 3.31 -17.24 -9.73
N LEU B 81 3.90 -17.51 -8.58
CA LEU B 81 5.26 -17.11 -8.26
C LEU B 81 6.26 -17.70 -9.25
N MET B 82 6.13 -19.00 -9.52
CA MET B 82 6.98 -19.73 -10.47
C MET B 82 6.94 -19.12 -11.86
N MET B 83 5.76 -18.63 -12.22
CA MET B 83 5.53 -18.00 -13.51
C MET B 83 6.25 -16.66 -13.60
N ILE B 84 6.22 -15.89 -12.51
CA ILE B 84 6.93 -14.61 -12.42
C ILE B 84 8.45 -14.82 -12.53
N MET B 85 8.95 -15.87 -11.88
CA MET B 85 10.38 -16.22 -11.98
C MET B 85 10.76 -16.86 -13.32
N GLY B 86 9.76 -17.22 -14.12
CA GLY B 86 9.98 -17.74 -15.47
C GLY B 86 10.15 -19.25 -15.56
N GLU B 87 9.96 -19.94 -14.43
CA GLU B 87 10.03 -21.39 -14.38
C GLU B 87 8.79 -22.05 -14.98
N LEU B 88 7.73 -21.26 -15.11
CA LEU B 88 6.51 -21.67 -15.78
C LEU B 88 6.17 -20.62 -16.81
N GLU B 89 5.98 -21.04 -18.05
CA GLU B 89 5.73 -20.14 -19.16
C GLU B 89 4.24 -20.04 -19.47
N PRO B 90 3.76 -18.82 -19.77
CA PRO B 90 2.35 -18.64 -20.14
C PRO B 90 2.04 -19.27 -21.50
N SER B 91 0.82 -19.80 -21.64
CA SER B 91 0.35 -20.31 -22.93
C SER B 91 -0.19 -19.16 -23.76
N GLU B 92 -0.95 -18.29 -23.11
CA GLU B 92 -1.46 -17.06 -23.71
C GLU B 92 -1.38 -15.93 -22.69
N GLY B 93 -1.21 -14.71 -23.18
CA GLY B 93 -1.08 -13.55 -22.32
C GLY B 93 0.36 -13.11 -22.15
N LYS B 94 0.56 -12.04 -21.38
CA LYS B 94 1.86 -11.42 -21.20
C LYS B 94 2.19 -11.12 -19.74
N ILE B 95 3.42 -11.44 -19.34
CA ILE B 95 3.94 -11.04 -18.03
C ILE B 95 5.02 -9.98 -18.25
N LYS B 96 4.83 -8.82 -17.63
CA LYS B 96 5.81 -7.74 -17.71
C LYS B 96 6.53 -7.52 -16.37
N HIS B 97 7.83 -7.75 -16.38
CA HIS B 97 8.69 -7.53 -15.22
C HIS B 97 10.16 -7.51 -15.65
N SER B 98 10.93 -6.60 -15.06
CA SER B 98 12.37 -6.57 -15.27
C SER B 98 13.11 -6.33 -13.95
N GLY B 99 14.20 -7.05 -13.74
CA GLY B 99 15.01 -6.88 -12.54
C GLY B 99 15.19 -8.16 -11.75
N ARG B 100 15.91 -8.06 -10.66
CA ARG B 100 16.25 -9.21 -9.84
C ARG B 100 15.11 -9.59 -8.92
N ILE B 101 14.79 -10.88 -8.90
CA ILE B 101 13.80 -11.44 -7.98
C ILE B 101 14.50 -12.16 -6.83
N SER B 102 14.03 -11.92 -5.60
CA SER B 102 14.44 -12.75 -4.47
C SER B 102 13.26 -13.57 -3.98
N PHE B 103 13.47 -14.88 -3.86
CA PHE B 103 12.38 -15.82 -3.60
C PHE B 103 12.52 -16.55 -2.26
N CYS B 104 11.47 -16.47 -1.45
CA CYS B 104 11.35 -17.27 -0.23
C CYS B 104 10.34 -18.40 -0.42
N SER B 105 10.85 -19.62 -0.44
CA SER B 105 10.06 -20.85 -0.62
C SER B 105 9.21 -21.16 0.61
N GLN B 106 8.07 -21.84 0.41
CA GLN B 106 7.22 -22.24 1.55
C GLN B 106 7.85 -23.33 2.42
N ASN B 107 8.78 -24.09 1.84
CA ASN B 107 9.60 -25.02 2.60
C ASN B 107 10.96 -24.41 2.90
N SER B 108 11.23 -24.22 4.18
CA SER B 108 12.46 -23.60 4.62
C SER B 108 13.63 -24.55 4.44
N TRP B 109 14.78 -24.00 4.11
CA TRP B 109 15.97 -24.79 3.87
C TRP B 109 17.22 -24.11 4.42
N ILE B 110 18.22 -24.93 4.73
CA ILE B 110 19.48 -24.52 5.31
C ILE B 110 20.57 -25.27 4.56
N MET B 111 21.67 -24.59 4.24
CA MET B 111 22.82 -25.26 3.64
C MET B 111 23.98 -25.34 4.63
N PRO B 112 24.86 -26.36 4.46
CA PRO B 112 26.06 -26.44 5.30
C PRO B 112 26.84 -25.14 5.27
N GLY B 113 27.15 -24.64 6.46
CA GLY B 113 27.85 -23.37 6.59
C GLY B 113 27.33 -22.55 7.75
N THR B 114 27.91 -21.37 7.89
CA THR B 114 27.63 -20.47 8.99
C THR B 114 26.25 -19.80 8.84
N ILE B 115 25.62 -19.46 9.96
CA ILE B 115 24.31 -18.80 9.94
C ILE B 115 24.36 -17.49 9.14
N LYS B 116 25.44 -16.72 9.32
CA LYS B 116 25.69 -15.50 8.55
C LYS B 116 25.78 -15.80 7.06
N GLU B 117 26.56 -16.83 6.71
CA GLU B 117 26.70 -17.31 5.33
C GLU B 117 25.36 -17.70 4.71
N ASN B 118 24.54 -18.42 5.48
CA ASN B 118 23.20 -18.80 5.05
C ASN B 118 22.32 -17.61 4.68
N ILE B 119 22.47 -16.52 5.41
CA ILE B 119 21.69 -15.31 5.16
C ILE B 119 22.30 -14.45 4.04
N ILE B 120 23.58 -14.13 4.16
CA ILE B 120 24.23 -13.16 3.27
C ILE B 120 24.85 -13.74 2.01
N GLY B 121 25.14 -15.05 2.03
CA GLY B 121 25.94 -15.67 0.99
C GLY B 121 27.36 -15.16 1.08
N VAL B 122 27.74 -14.32 0.11
CA VAL B 122 29.10 -13.78 0.06
C VAL B 122 29.10 -12.24 -0.08
N SER B 123 27.92 -11.65 -0.01
CA SER B 123 27.75 -10.20 -0.16
C SER B 123 27.39 -9.55 1.19
N TYR B 124 28.34 -8.79 1.75
CA TYR B 124 28.16 -8.25 3.10
C TYR B 124 27.86 -6.75 3.16
N ASP B 125 26.84 -6.42 3.95
CA ASP B 125 26.44 -5.04 4.22
C ASP B 125 26.01 -5.00 5.69
N GLU B 126 26.85 -4.41 6.54
CA GLU B 126 26.63 -4.42 7.99
C GLU B 126 25.28 -3.86 8.40
N TYR B 127 24.94 -2.66 7.90
CA TYR B 127 23.66 -2.00 8.24
C TYR B 127 22.45 -2.82 7.82
N ARG B 128 22.50 -3.34 6.59
CA ARG B 128 21.42 -4.15 6.04
C ARG B 128 21.26 -5.46 6.82
N TYR B 129 22.40 -6.07 7.16
CA TYR B 129 22.44 -7.34 7.89
C TYR B 129 21.83 -7.24 9.29
N ARG B 130 22.18 -6.17 10.01
CA ARG B 130 21.67 -5.95 11.36
C ARG B 130 20.16 -5.75 11.35
N SER B 131 19.68 -4.91 10.44
CA SER B 131 18.25 -4.60 10.34
C SER B 131 17.37 -5.78 9.93
N VAL B 132 17.92 -6.67 9.09
CA VAL B 132 17.23 -7.90 8.68
C VAL B 132 17.19 -8.91 9.84
N ILE B 133 18.32 -9.10 10.51
CA ILE B 133 18.42 -9.91 11.73
C ILE B 133 17.37 -9.46 12.77
N LYS B 134 17.29 -8.15 13.00
CA LYS B 134 16.29 -7.56 13.90
C LYS B 134 14.86 -7.87 13.45
N ALA B 135 14.54 -7.49 12.21
CA ALA B 135 13.20 -7.65 11.66
C ALA B 135 12.68 -9.09 11.69
N CYS B 136 13.59 -10.06 11.56
CA CYS B 136 13.23 -11.47 11.54
C CYS B 136 13.44 -12.16 12.89
N GLN B 137 13.69 -11.36 13.92
CA GLN B 137 13.82 -11.82 15.32
C GLN B 137 14.94 -12.84 15.53
N LEU B 138 16.08 -12.60 14.90
CA LEU B 138 17.19 -13.54 14.95
C LEU B 138 18.34 -13.05 15.83
N GLU B 139 18.19 -11.86 16.40
CA GLU B 139 19.23 -11.29 17.27
C GLU B 139 19.43 -12.09 18.55
N GLU B 140 18.32 -12.46 19.20
CA GLU B 140 18.35 -13.27 20.41
C GLU B 140 18.82 -14.71 20.15
N ASP B 141 18.45 -15.25 18.98
CA ASP B 141 18.89 -16.59 18.58
C ASP B 141 20.41 -16.63 18.37
N ILE B 142 20.94 -15.61 17.71
CA ILE B 142 22.36 -15.54 17.39
C ILE B 142 23.22 -15.25 18.62
N SER B 143 22.75 -14.35 19.48
CA SER B 143 23.49 -13.94 20.68
C SER B 143 23.72 -15.09 21.66
N LYS B 144 22.79 -16.04 21.69
CA LYS B 144 22.89 -17.24 22.56
C LYS B 144 24.18 -18.03 22.36
N PHE B 145 24.58 -18.21 21.10
CA PHE B 145 25.76 -19.02 20.77
C PHE B 145 27.07 -18.28 21.03
N ALA B 146 28.08 -19.02 21.51
CA ALA B 146 29.41 -18.48 21.77
C ALA B 146 30.08 -18.05 20.45
N GLU B 147 29.91 -18.87 19.42
CA GLU B 147 30.36 -18.54 18.06
C GLU B 147 29.52 -17.41 17.46
N LYS B 148 28.37 -17.13 18.08
CA LYS B 148 27.39 -16.14 17.61
C LYS B 148 26.91 -16.45 16.20
N ASP B 149 27.14 -15.54 15.24
CA ASP B 149 26.69 -15.77 13.87
C ASP B 149 27.71 -16.53 13.02
N ASN B 150 28.80 -16.97 13.65
CA ASN B 150 29.79 -17.81 13.00
C ASN B 150 29.56 -19.29 13.27
N ILE B 151 28.51 -19.61 14.01
CA ILE B 151 28.16 -21.00 14.30
C ILE B 151 27.77 -21.77 13.03
N VAL B 152 28.31 -22.99 12.91
CA VAL B 152 28.17 -23.81 11.71
C VAL B 152 26.88 -24.62 11.78
N LEU B 153 26.14 -24.62 10.67
CA LEU B 153 24.87 -25.35 10.57
C LEU B 153 25.02 -26.60 9.71
N GLY B 157 26.38 -29.83 12.19
CA GLY B 157 26.68 -29.01 13.36
C GLY B 157 25.52 -28.94 14.33
N ILE B 158 25.17 -27.72 14.74
CA ILE B 158 24.06 -27.48 15.66
C ILE B 158 22.71 -27.69 14.94
N THR B 159 21.68 -28.03 15.69
CA THR B 159 20.36 -28.29 15.12
C THR B 159 19.35 -27.20 15.47
N LEU B 160 18.62 -26.75 14.46
CA LEU B 160 17.67 -25.64 14.59
C LEU B 160 16.23 -26.14 14.54
N SER B 161 15.33 -25.40 15.18
CA SER B 161 13.91 -25.69 15.11
C SER B 161 13.35 -25.29 13.74
N GLY B 162 12.10 -25.69 13.47
CA GLY B 162 11.42 -25.32 12.24
C GLY B 162 11.26 -23.81 12.10
N GLY B 163 10.96 -23.15 13.22
CA GLY B 163 10.78 -21.70 13.27
C GLY B 163 12.07 -20.93 13.02
N GLN B 164 13.16 -21.42 13.60
CA GLN B 164 14.50 -20.86 13.36
C GLN B 164 14.93 -21.01 11.90
N ARG B 165 14.61 -22.16 11.30
CA ARG B 165 14.86 -22.41 9.88
C ARG B 165 14.06 -21.46 9.01
N ALA B 166 12.79 -21.28 9.36
CA ALA B 166 11.87 -20.41 8.64
C ALA B 166 12.34 -18.96 8.66
N ARG B 167 12.81 -18.51 9.82
CA ARG B 167 13.22 -17.12 9.99
C ARG B 167 14.59 -16.82 9.39
N ILE B 168 15.43 -17.85 9.27
CA ILE B 168 16.68 -17.74 8.52
C ILE B 168 16.41 -17.70 7.00
N SER B 169 15.48 -18.54 6.53
CA SER B 169 15.06 -18.57 5.13
C SER B 169 14.41 -17.27 4.67
N LEU B 170 13.64 -16.64 5.56
CA LEU B 170 13.04 -15.35 5.28
C LEU B 170 14.10 -14.26 5.23
N ALA B 171 15.02 -14.29 6.20
CA ALA B 171 16.12 -13.32 6.30
C ALA B 171 17.02 -13.36 5.07
N ARG B 172 17.26 -14.56 4.55
CA ARG B 172 18.02 -14.76 3.31
C ARG B 172 17.34 -14.07 2.12
N ALA B 173 16.03 -14.27 1.99
CA ALA B 173 15.25 -13.70 0.88
C ALA B 173 15.15 -12.18 0.98
N VAL B 174 14.91 -11.68 2.19
CA VAL B 174 14.73 -10.26 2.47
C VAL B 174 16.07 -9.50 2.43
N TYR B 175 17.14 -10.13 2.88
CA TYR B 175 18.46 -9.51 2.86
C TYR B 175 19.00 -9.30 1.44
N LYS B 176 18.66 -10.23 0.54
CA LYS B 176 19.12 -10.15 -0.84
C LYS B 176 18.75 -8.81 -1.48
N ASP B 177 19.75 -8.13 -2.03
CA ASP B 177 19.54 -6.87 -2.73
C ASP B 177 18.84 -7.17 -4.06
N ALA B 178 17.54 -6.91 -4.10
CA ALA B 178 16.70 -7.29 -5.24
C ALA B 178 15.63 -6.24 -5.54
N ASP B 179 14.92 -6.44 -6.65
CA ASP B 179 13.92 -5.46 -7.12
C ASP B 179 12.49 -5.96 -6.93
N LEU B 180 12.34 -7.27 -6.72
CA LEU B 180 11.05 -7.87 -6.43
C LEU B 180 11.21 -9.04 -5.48
N TYR B 181 10.36 -9.10 -4.46
CA TYR B 181 10.46 -10.15 -3.46
C TYR B 181 9.21 -11.00 -3.47
N LEU B 182 9.41 -12.31 -3.65
CA LEU B 182 8.31 -13.27 -3.69
C LEU B 182 8.34 -14.14 -2.43
N LEU B 183 7.34 -13.98 -1.59
CA LEU B 183 7.28 -14.60 -0.27
C LEU B 183 6.15 -15.62 -0.21
N ASP B 184 6.51 -16.89 -0.36
CA ASP B 184 5.53 -17.98 -0.36
C ASP B 184 5.40 -18.56 1.03
N SER B 185 4.32 -18.21 1.73
CA SER B 185 4.00 -18.74 3.06
C SER B 185 5.23 -18.84 3.99
N PRO B 186 5.87 -17.70 4.31
CA PRO B 186 7.17 -17.76 4.97
C PRO B 186 7.12 -17.98 6.50
N PHE B 187 5.93 -17.88 7.10
CA PHE B 187 5.79 -17.89 8.56
C PHE B 187 5.32 -19.24 9.14
N GLY B 188 5.48 -20.32 8.38
CA GLY B 188 4.95 -21.65 8.72
C GLY B 188 5.02 -22.13 10.17
N TYR B 189 6.23 -22.43 10.63
CA TYR B 189 6.44 -23.04 11.96
C TYR B 189 6.36 -22.06 13.13
N LEU B 190 6.10 -20.79 12.83
CA LEU B 190 6.06 -19.73 13.84
C LEU B 190 4.74 -19.76 14.59
N ASP B 191 4.76 -19.31 15.85
CA ASP B 191 3.52 -19.17 16.63
C ASP B 191 2.74 -17.93 16.21
N VAL B 192 1.49 -17.82 16.69
CA VAL B 192 0.58 -16.74 16.30
C VAL B 192 1.17 -15.35 16.51
N LEU B 193 1.83 -15.15 17.66
CA LEU B 193 2.33 -13.84 18.05
C LEU B 193 3.54 -13.38 17.23
N THR B 194 4.49 -14.28 17.03
CA THR B 194 5.71 -13.95 16.29
C THR B 194 5.45 -13.74 14.78
N GLU B 195 4.48 -14.47 14.24
CA GLU B 195 4.05 -14.29 12.85
C GLU B 195 3.48 -12.89 12.63
N LYS B 196 2.67 -12.45 13.59
CA LYS B 196 2.08 -11.11 13.57
C LYS B 196 3.16 -10.03 13.68
N GLU B 197 4.12 -10.24 14.59
CA GLU B 197 5.22 -9.31 14.82
C GLU B 197 6.20 -9.22 13.65
N ILE B 198 6.47 -10.36 13.02
CA ILE B 198 7.38 -10.39 11.87
C ILE B 198 6.74 -9.82 10.59
N PHE B 199 5.49 -10.17 10.31
CA PHE B 199 4.74 -9.54 9.22
C PHE B 199 4.81 -8.01 9.32
N GLU B 200 4.70 -7.50 10.54
CA GLU B 200 4.78 -6.07 10.80
C GLU B 200 6.20 -5.53 10.65
N SER B 201 7.16 -6.11 11.37
CA SER B 201 8.53 -5.58 11.36
C SER B 201 9.27 -5.83 10.05
N CYS B 202 8.96 -6.94 9.39
CA CYS B 202 9.67 -7.31 8.16
C CYS B 202 8.94 -6.82 6.92
N VAL B 203 7.79 -7.42 6.64
CA VAL B 203 7.02 -7.18 5.41
C VAL B 203 6.44 -5.77 5.36
N CYS B 204 6.02 -5.25 6.51
CA CYS B 204 5.38 -3.95 6.57
C CYS B 204 6.32 -2.78 6.80
N LYS B 205 7.33 -2.99 7.65
CA LYS B 205 8.24 -1.90 8.01
C LYS B 205 9.55 -1.92 7.21
N LEU B 206 10.33 -2.99 7.35
CA LEU B 206 11.62 -3.09 6.65
C LEU B 206 11.44 -3.05 5.13
N MET B 207 10.40 -3.72 4.64
CA MET B 207 10.14 -3.84 3.21
C MET B 207 9.04 -2.90 2.72
N ALA B 208 8.77 -1.85 3.49
CA ALA B 208 7.65 -0.92 3.22
C ALA B 208 7.58 -0.38 1.81
N ASN B 209 8.74 -0.18 1.19
CA ASN B 209 8.83 0.42 -0.13
C ASN B 209 9.51 -0.48 -1.14
N LYS B 210 9.47 -1.78 -0.85
CA LYS B 210 9.96 -2.81 -1.77
C LYS B 210 8.76 -3.46 -2.41
N THR B 211 8.83 -3.70 -3.71
CA THR B 211 7.76 -4.44 -4.39
C THR B 211 7.81 -5.89 -3.90
N ARG B 212 6.69 -6.37 -3.40
CA ARG B 212 6.64 -7.67 -2.73
C ARG B 212 5.30 -8.40 -2.95
N ILE B 213 5.38 -9.70 -3.14
CA ILE B 213 4.20 -10.56 -3.17
C ILE B 213 4.26 -11.51 -1.97
N LEU B 214 3.13 -11.63 -1.27
CA LEU B 214 3.05 -12.47 -0.09
C LEU B 214 1.89 -13.46 -0.21
N VAL B 215 2.22 -14.74 -0.27
CA VAL B 215 1.23 -15.80 -0.26
C VAL B 215 0.90 -16.10 1.21
N THR B 216 -0.38 -15.96 1.56
CA THR B 216 -0.80 -15.98 2.95
C THR B 216 -2.25 -16.48 3.12
N SER B 217 -2.57 -16.92 4.34
CA SER B 217 -3.92 -17.34 4.70
C SER B 217 -4.47 -16.55 5.89
N LYS B 218 -3.75 -15.50 6.29
CA LYS B 218 -4.24 -14.60 7.34
C LYS B 218 -4.95 -13.39 6.75
N MET B 219 -6.19 -13.20 7.17
CA MET B 219 -7.06 -12.13 6.65
C MET B 219 -6.57 -10.73 7.02
N GLU B 220 -5.78 -10.63 8.08
CA GLU B 220 -5.14 -9.37 8.46
C GLU B 220 -4.08 -8.93 7.45
N HIS B 221 -3.38 -9.89 6.87
CA HIS B 221 -2.38 -9.64 5.82
C HIS B 221 -3.06 -9.05 4.58
N LEU B 222 -4.23 -9.61 4.26
CA LEU B 222 -5.07 -9.12 3.18
C LEU B 222 -5.53 -7.68 3.44
N LYS B 223 -5.90 -7.41 4.69
CA LYS B 223 -6.34 -6.08 5.13
C LYS B 223 -5.26 -5.01 4.97
N LYS B 224 -4.01 -5.40 5.20
CA LYS B 224 -2.88 -4.47 5.17
C LYS B 224 -2.25 -4.31 3.77
N ALA B 225 -2.56 -5.24 2.87
CA ALA B 225 -2.00 -5.25 1.52
C ALA B 225 -2.53 -4.09 0.66
N ASP B 226 -1.78 -3.72 -0.37
CA ASP B 226 -2.22 -2.71 -1.33
C ASP B 226 -3.23 -3.30 -2.32
N LYS B 227 -2.96 -4.53 -2.75
CA LYS B 227 -3.89 -5.28 -3.60
C LYS B 227 -3.94 -6.73 -3.12
N ILE B 228 -5.09 -7.37 -3.32
CA ILE B 228 -5.24 -8.79 -3.00
C ILE B 228 -5.69 -9.61 -4.20
N LEU B 229 -5.10 -10.79 -4.35
CA LEU B 229 -5.49 -11.74 -5.39
C LEU B 229 -5.95 -13.02 -4.72
N ILE B 230 -7.22 -13.37 -4.91
CA ILE B 230 -7.77 -14.61 -4.38
C ILE B 230 -7.93 -15.61 -5.52
N LEU B 231 -7.28 -16.76 -5.40
CA LEU B 231 -7.32 -17.78 -6.44
C LEU B 231 -8.14 -19.02 -6.04
N HIS B 232 -8.82 -19.61 -7.00
CA HIS B 232 -9.45 -20.91 -6.82
C HIS B 232 -9.43 -21.69 -8.13
N GLU B 233 -8.85 -22.89 -8.08
CA GLU B 233 -8.72 -23.78 -9.23
C GLU B 233 -8.13 -23.06 -10.46
N GLY B 234 -7.10 -22.25 -10.24
CA GLY B 234 -6.42 -21.56 -11.33
C GLY B 234 -7.03 -20.23 -11.75
N SER B 235 -8.25 -19.96 -11.30
CA SER B 235 -8.96 -18.72 -11.66
C SER B 235 -8.83 -17.64 -10.62
N SER B 236 -8.91 -16.38 -11.07
CA SER B 236 -8.99 -15.24 -10.19
C SER B 236 -10.45 -15.00 -9.85
N TYR B 237 -10.85 -15.38 -8.64
CA TYR B 237 -12.22 -15.14 -8.21
C TYR B 237 -12.40 -13.77 -7.58
N PHE B 238 -11.28 -13.14 -7.24
CA PHE B 238 -11.25 -11.73 -6.89
C PHE B 238 -9.87 -11.12 -7.10
N TYR B 239 -9.87 -9.89 -7.61
CA TYR B 239 -8.69 -9.05 -7.64
C TYR B 239 -9.08 -7.59 -7.36
N GLY B 240 -8.40 -6.99 -6.39
CA GLY B 240 -8.68 -5.61 -5.99
C GLY B 240 -8.25 -5.33 -4.56
N THR B 241 -8.88 -4.33 -3.94
CA THR B 241 -8.56 -3.96 -2.56
C THR B 241 -9.45 -4.71 -1.58
N PHE B 242 -9.10 -4.63 -0.30
CA PHE B 242 -9.86 -5.31 0.77
C PHE B 242 -11.28 -4.75 0.93
N SER B 243 -11.42 -3.43 0.78
CA SER B 243 -12.74 -2.78 0.85
C SER B 243 -13.63 -3.17 -0.32
N GLU B 244 -13.03 -3.36 -1.49
CA GLU B 244 -13.74 -3.86 -2.67
C GLU B 244 -14.26 -5.27 -2.44
N LEU B 245 -13.44 -6.08 -1.76
CA LEU B 245 -13.80 -7.46 -1.40
C LEU B 245 -14.95 -7.49 -0.40
N GLN B 246 -14.96 -6.51 0.52
CA GLN B 246 -15.98 -6.43 1.57
C GLN B 246 -17.39 -6.24 1.02
N ASN B 247 -17.50 -5.53 -0.10
CA ASN B 247 -18.81 -5.25 -0.71
C ASN B 247 -19.16 -6.17 -1.88
N LEU B 248 -18.17 -6.49 -2.71
CA LEU B 248 -18.37 -7.36 -3.88
C LEU B 248 -18.61 -8.82 -3.48
N ARG B 249 -17.95 -9.25 -2.40
CA ARG B 249 -18.07 -10.63 -1.91
C ARG B 249 -18.63 -10.66 -0.49
N PRO B 250 -19.97 -10.71 -0.35
CA PRO B 250 -20.58 -10.81 0.98
C PRO B 250 -20.39 -12.18 1.64
N ASP B 251 -20.37 -13.23 0.82
CA ASP B 251 -20.20 -14.61 1.30
C ASP B 251 -18.81 -14.87 1.87
N PHE B 252 -17.82 -14.15 1.32
CA PHE B 252 -16.43 -14.28 1.74
C PHE B 252 -16.17 -13.53 3.05
N SER B 253 -16.58 -12.27 3.10
CA SER B 253 -16.28 -11.37 4.21
C SER B 253 -17.05 -11.68 5.50
N SER B 254 -18.18 -12.37 5.37
CA SER B 254 -19.00 -12.73 6.53
C SER B 254 -18.56 -14.05 7.16
N LYS B 255 -18.29 -15.05 6.32
CA LYS B 255 -17.89 -16.38 6.79
C LYS B 255 -16.46 -16.43 7.33
N LEU B 256 -15.65 -15.42 6.96
CA LEU B 256 -14.24 -15.40 7.35
C LEU B 256 -13.89 -14.25 8.30
N MET B 257 -14.91 -13.50 8.74
CA MET B 257 -14.76 -12.53 9.82
C MET B 257 -15.87 -12.71 10.85
N ASP B 260 -10.46 -10.85 12.98
CA ASP B 260 -11.69 -11.02 13.81
C ASP B 260 -11.55 -12.22 14.75
N SER B 261 -11.36 -13.40 14.17
CA SER B 261 -11.24 -14.67 14.92
C SER B 261 -10.65 -15.77 14.04
N PHE B 262 -10.57 -15.49 12.74
CA PHE B 262 -10.12 -16.46 11.74
C PHE B 262 -8.61 -16.70 11.82
N ASP B 263 -7.86 -15.64 12.14
CA ASP B 263 -6.41 -15.69 12.22
C ASP B 263 -5.91 -16.47 13.43
N GLN B 264 -6.80 -16.70 14.39
CA GLN B 264 -6.49 -17.47 15.60
C GLN B 264 -6.37 -18.96 15.30
N PHE B 265 -6.96 -19.38 14.17
CA PHE B 265 -6.90 -20.78 13.74
C PHE B 265 -5.50 -21.15 13.23
N SER B 266 -5.26 -22.45 13.14
CA SER B 266 -4.01 -22.98 12.59
C SER B 266 -3.97 -22.83 11.07
N ALA B 267 -2.76 -22.86 10.52
CA ALA B 267 -2.55 -22.78 9.08
C ALA B 267 -3.37 -23.84 8.33
N GLU B 268 -3.37 -25.08 8.85
CA GLU B 268 -4.14 -26.18 8.27
C GLU B 268 -5.64 -25.94 8.27
N ARG B 269 -6.14 -25.28 9.32
CA ARG B 269 -7.56 -25.00 9.48
C ARG B 269 -7.99 -23.80 8.64
N ARG B 270 -7.18 -22.74 8.66
CA ARG B 270 -7.43 -21.56 7.82
C ARG B 270 -7.43 -21.96 6.34
N ASN B 271 -6.45 -22.75 5.93
CA ASN B 271 -6.38 -23.26 4.56
C ASN B 271 -7.53 -24.19 4.20
N SER B 272 -8.02 -24.95 5.18
CA SER B 272 -9.14 -25.86 4.99
C SER B 272 -10.49 -25.12 4.90
N ILE B 273 -10.69 -24.13 5.75
CA ILE B 273 -11.90 -23.30 5.69
C ILE B 273 -11.70 -22.07 4.78
N LEU B 274 -10.72 -22.18 3.89
CA LEU B 274 -10.64 -21.33 2.70
C LEU B 274 -10.97 -22.20 1.50
N THR B 275 -10.40 -23.40 1.47
CA THR B 275 -10.64 -24.38 0.42
C THR B 275 -12.10 -24.84 0.40
N GLU B 276 -12.61 -25.23 1.58
CA GLU B 276 -13.99 -25.69 1.73
C GLU B 276 -14.97 -24.55 1.49
N THR B 277 -14.61 -23.35 1.95
CA THR B 277 -15.42 -22.14 1.77
C THR B 277 -15.58 -21.80 0.29
N LEU B 278 -14.48 -21.85 -0.46
CA LEU B 278 -14.48 -21.46 -1.88
C LEU B 278 -15.13 -22.50 -2.80
N HIS B 279 -16.36 -22.88 -2.47
CA HIS B 279 -17.19 -23.74 -3.30
C HIS B 279 -18.65 -23.29 -3.21
N ARG B 280 -18.84 -21.99 -2.98
CA ARG B 280 -20.19 -21.42 -2.85
C ARG B 280 -20.43 -20.32 -3.89
N PHE B 281 -19.46 -19.43 -4.06
CA PHE B 281 -19.47 -18.47 -5.17
C PHE B 281 -18.39 -18.83 -6.20
N SER B 282 -17.73 -19.96 -5.97
CA SER B 282 -16.64 -20.42 -6.85
C SER B 282 -16.71 -21.94 -7.09
N LEU B 283 -17.87 -22.40 -7.54
CA LEU B 283 -18.09 -23.82 -7.84
C LEU B 283 -17.27 -24.28 -9.04
MG MG C . -0.14 8.78 -1.97
PG ATP D . -0.34 6.78 -4.57
O1G ATP D . -0.95 7.43 -5.77
O2G ATP D . -0.73 7.40 -3.24
O3G ATP D . -0.36 5.28 -4.56
PB ATP D . 1.92 8.53 -4.60
O1B ATP D . 1.68 9.27 -5.88
O2B ATP D . 1.55 9.19 -3.29
O3B ATP D . 1.24 7.08 -4.73
PA ATP D . 4.41 8.06 -3.24
O1A ATP D . 3.69 7.41 -2.09
O2A ATP D . 5.02 9.43 -3.04
O3A ATP D . 3.47 8.10 -4.55
O5' ATP D . 5.58 7.07 -3.70
C5' ATP D . 6.37 7.29 -4.88
C4' ATP D . 7.56 6.33 -4.88
O4' ATP D . 8.41 6.58 -3.75
C3' ATP D . 7.14 4.87 -4.77
O3' ATP D . 8.04 4.08 -5.56
C2' ATP D . 7.32 4.53 -3.30
O2' ATP D . 7.55 3.13 -3.09
C1' ATP D . 8.50 5.40 -2.93
N9 ATP D . 8.50 5.80 -1.50
C8 ATP D . 7.46 6.36 -0.83
N7 ATP D . 7.79 6.59 0.46
C5 ATP D . 9.06 6.18 0.63
C6 ATP D . 10.03 6.13 1.75
N6 ATP D . 9.70 6.60 2.97
N1 ATP D . 11.26 5.61 1.50
C2 ATP D . 11.62 5.14 0.29
N3 ATP D . 10.78 5.16 -0.77
C4 ATP D . 9.52 5.65 -0.66
MG MG E . 2.05 -23.55 -2.49
PG ATP F . -0.87 -24.78 -1.63
O1G ATP F . -2.07 -24.01 -1.14
O2G ATP F . 0.44 -24.06 -1.45
O3G ATP F . -0.84 -26.22 -1.17
PB ATP F . -0.80 -23.76 -4.30
O1B ATP F . -2.00 -22.86 -4.38
O2B ATP F . 0.56 -23.16 -4.03
O3B ATP F . -1.10 -24.91 -3.23
PA ATP F . 0.56 -24.94 -6.54
O1A ATP F . 1.68 -25.39 -5.65
O2A ATP F . 0.80 -23.89 -7.58
O3A ATP F . -0.76 -24.56 -5.70
O5' ATP F . 0.01 -26.26 -7.29
C5' ATP F . -1.02 -26.24 -8.27
C4' ATP F . -0.70 -27.35 -9.27
O4' ATP F . 0.56 -27.09 -9.90
C3' ATP F . -0.59 -28.72 -8.61
O3' ATP F . -1.36 -29.63 -9.37
C2' ATP F . 0.89 -29.08 -8.68
O2' ATP F . 1.10 -30.47 -8.96
C1' ATP F . 1.45 -28.20 -9.79
N9 ATP F . 2.81 -27.71 -9.45
C8 ATP F . 3.13 -26.90 -8.43
N7 ATP F . 4.47 -26.64 -8.41
C5 ATP F . 5.02 -27.31 -9.44
C6 ATP F . 6.38 -27.48 -10.00
N6 ATP F . 7.44 -26.87 -9.43
N1 ATP F . 6.51 -28.26 -11.10
C2 ATP F . 5.46 -28.88 -11.68
N3 ATP F . 4.20 -28.77 -11.22
C4 ATP F . 3.92 -28.01 -10.13
#